data_4BHK
#
_entry.id   4BHK
#
_cell.length_a   42.722
_cell.length_b   84.523
_cell.length_c   152.424
_cell.angle_alpha   90.00
_cell.angle_beta   90.00
_cell.angle_gamma   90.00
#
_symmetry.space_group_name_H-M   'P 21 21 21'
#
loop_
_entity.id
_entity.type
_entity.pdbx_description
1 polymer 'FLORICAULA/LEAFY HOMOLOG 1'
2 polymer 'MOSS-CR54 DNA'
3 polymer 'MOSS-CR54 DNA'
4 water water
#
loop_
_entity_poly.entity_id
_entity_poly.type
_entity_poly.pdbx_seq_one_letter_code
_entity_poly.pdbx_strand_id
1 'polypeptide(L)'
;GAMEVGEDGEERPREHPFIVTEPGEPAKGKKNGLDYLFDLYEQCGKFLEEVQHIAKEKGEKCPSKVTNEVFRHAKLTGAG
YINKPKMRDYVHCYALHCLDVETSNNLRKEYKERGENVGAWCQACYFPLVKLARQNEWDIDDLFNRNDKLRIWYVPTKLR
QLCHIERMKHG
;
A,B
2 'polydeoxyribonucleotide'
;(DG)(DC)(DC)(DA)(DC)(DG)(DG)(DG)(DC)(DG)(DA)(DC)(DC)(DA)(DG)(DC)(DG)(DG)(DA)(DC)
(DG)(DG)(DT)(DG)(DA)(DG)(DC)(DA)(DC)
;
W
3 'polydeoxyribonucleotide'
;(DG)(DT)(DG)(DC)(DT)(DC)(DA)(DC)(DC)(DG)(DT)(DC)(DC)(DG)(DC)(DT)(DG)(DG)(DT)(DC)
(DG)(DC)(DC)(DC)(DG)(DT)(DG)(DG)(DC)
;
X
#
# COMPACT_ATOMS: atom_id res chain seq x y z
N PRO A 13 -3.75 18.73 -29.40
CA PRO A 13 -2.95 17.70 -28.75
C PRO A 13 -3.78 16.57 -28.14
N ARG A 14 -5.09 16.82 -27.92
CA ARG A 14 -6.02 15.85 -27.35
C ARG A 14 -6.01 14.57 -28.22
N GLU A 15 -5.97 13.40 -27.59
CA GLU A 15 -5.98 12.11 -28.27
C GLU A 15 -7.34 11.84 -28.89
N HIS A 16 -7.39 10.89 -29.84
CA HIS A 16 -8.64 10.47 -30.48
C HIS A 16 -9.52 9.87 -29.42
N PRO A 17 -10.85 10.03 -29.50
CA PRO A 17 -11.70 9.37 -28.50
C PRO A 17 -11.69 7.85 -28.74
N PHE A 18 -11.97 7.08 -27.70
CA PHE A 18 -12.08 5.65 -27.85
C PHE A 18 -13.46 5.31 -28.53
N ILE A 19 -13.57 4.12 -29.12
CA ILE A 19 -14.84 3.56 -29.65
C ILE A 19 -14.92 2.12 -29.20
N VAL A 20 -16.14 1.59 -29.12
CA VAL A 20 -16.30 0.20 -28.74
C VAL A 20 -15.87 -0.71 -29.92
N THR A 21 -14.87 -1.56 -29.70
CA THR A 21 -14.43 -2.54 -30.71
C THR A 21 -14.44 -3.95 -30.09
N GLU A 22 -14.52 -4.97 -30.96
CA GLU A 22 -14.46 -6.37 -30.61
C GLU A 22 -12.99 -6.73 -30.50
N PRO A 23 -12.62 -7.83 -29.80
CA PRO A 23 -11.19 -8.19 -29.74
C PRO A 23 -10.55 -8.30 -31.12
N GLY A 24 -9.42 -7.62 -31.31
CA GLY A 24 -8.65 -7.61 -32.55
C GLY A 24 -9.22 -6.75 -33.66
N GLU A 25 -10.35 -6.07 -33.41
CA GLU A 25 -10.95 -5.23 -34.45
C GLU A 25 -10.30 -3.84 -34.45
N PRO A 26 -9.78 -3.36 -35.60
CA PRO A 26 -9.20 -2.01 -35.58
C PRO A 26 -10.31 -0.95 -35.60
N ALA A 27 -10.12 0.14 -34.84
CA ALA A 27 -11.04 1.28 -34.81
C ALA A 27 -11.05 2.01 -36.16
N LYS A 28 -12.21 2.42 -36.63
CA LYS A 28 -12.24 3.15 -37.90
C LYS A 28 -12.38 4.65 -37.70
N GLY A 29 -11.63 5.43 -38.48
CA GLY A 29 -11.64 6.89 -38.43
C GLY A 29 -10.69 7.52 -37.43
N LYS A 30 -11.05 8.68 -36.88
CA LYS A 30 -10.20 9.37 -35.91
C LYS A 30 -10.56 8.87 -34.50
N LYS A 31 -10.44 7.54 -34.33
CA LYS A 31 -10.81 6.83 -33.11
C LYS A 31 -9.80 5.76 -32.72
N ASN A 32 -9.77 5.38 -31.42
CA ASN A 32 -8.89 4.32 -30.90
C ASN A 32 -9.79 3.21 -30.36
N GLY A 33 -9.38 1.98 -30.55
CA GLY A 33 -10.14 0.82 -30.12
C GLY A 33 -9.87 0.44 -28.68
N LEU A 34 -10.58 -0.60 -28.22
CA LEU A 34 -10.48 -1.09 -26.85
C LEU A 34 -9.23 -1.92 -26.54
N ASP A 35 -8.61 -2.56 -27.54
CA ASP A 35 -7.36 -3.32 -27.35
C ASP A 35 -6.20 -2.33 -27.12
N TYR A 36 -6.23 -1.20 -27.82
CA TYR A 36 -5.30 -0.09 -27.67
C TYR A 36 -5.42 0.43 -26.21
N LEU A 37 -6.67 0.57 -25.71
CA LEU A 37 -6.95 1.05 -24.35
C LEU A 37 -6.32 0.12 -23.32
N PHE A 38 -6.57 -1.18 -23.45
CA PHE A 38 -6.03 -2.22 -22.57
C PHE A 38 -4.50 -2.30 -22.62
N ASP A 39 -3.89 -1.97 -23.79
CA ASP A 39 -2.44 -1.96 -23.96
CA ASP A 39 -2.43 -1.96 -23.99
C ASP A 39 -1.78 -0.84 -23.15
N LEU A 40 -2.50 0.28 -22.94
CA LEU A 40 -2.07 1.46 -22.15
C LEU A 40 -1.87 1.05 -20.69
N TYR A 41 -2.69 0.09 -20.22
CA TYR A 41 -2.57 -0.42 -18.86
C TYR A 41 -1.31 -1.24 -18.73
N GLU A 42 -0.99 -1.99 -19.78
CA GLU A 42 0.20 -2.82 -19.89
C GLU A 42 1.45 -1.94 -19.92
N GLN A 43 1.40 -0.82 -20.66
CA GLN A 43 2.51 0.13 -20.76
C GLN A 43 2.80 0.75 -19.39
N CYS A 44 1.76 1.10 -18.64
CA CYS A 44 1.86 1.66 -17.28
C CYS A 44 2.56 0.72 -16.31
N GLY A 45 2.27 -0.58 -16.42
CA GLY A 45 2.93 -1.63 -15.65
C GLY A 45 4.44 -1.65 -15.88
N LYS A 46 4.87 -1.46 -17.15
CA LYS A 46 6.28 -1.39 -17.56
C LYS A 46 6.91 -0.13 -16.97
N PHE A 47 6.18 1.03 -17.04
CA PHE A 47 6.64 2.28 -16.44
C PHE A 47 6.76 2.15 -14.94
N LEU A 48 5.84 1.43 -14.26
CA LEU A 48 5.96 1.25 -12.80
C LEU A 48 7.22 0.44 -12.47
N GLU A 49 7.46 -0.66 -13.20
CA GLU A 49 8.61 -1.55 -13.06
C GLU A 49 9.93 -0.72 -13.11
N GLU A 50 10.03 0.26 -14.05
CA GLU A 50 11.15 1.20 -14.22
C GLU A 50 11.33 2.05 -12.99
N VAL A 51 10.23 2.74 -12.60
CA VAL A 51 10.15 3.58 -11.39
C VAL A 51 10.61 2.75 -10.17
N GLN A 52 10.13 1.48 -10.05
CA GLN A 52 10.46 0.54 -8.95
C GLN A 52 11.96 0.22 -8.93
N HIS A 53 12.53 -0.17 -10.10
CA HIS A 53 13.95 -0.50 -10.25
C HIS A 53 14.83 0.70 -9.89
N ILE A 54 14.48 1.91 -10.37
CA ILE A 54 15.22 3.15 -10.12
C ILE A 54 15.27 3.46 -8.62
N ALA A 55 14.11 3.39 -7.93
CA ALA A 55 13.95 3.64 -6.49
C ALA A 55 14.81 2.69 -5.68
N LYS A 56 14.82 1.39 -6.04
CA LYS A 56 15.61 0.37 -5.37
C LYS A 56 17.10 0.73 -5.43
N GLU A 57 17.58 1.24 -6.60
CA GLU A 57 18.95 1.69 -6.82
C GLU A 57 19.30 2.95 -6.00
N LYS A 58 18.38 3.92 -5.94
CA LYS A 58 18.58 5.19 -5.21
C LYS A 58 18.42 5.02 -3.68
N GLY A 59 17.84 3.90 -3.24
CA GLY A 59 17.56 3.63 -1.83
C GLY A 59 16.38 4.47 -1.35
N GLU A 60 15.38 4.64 -2.23
CA GLU A 60 14.19 5.44 -1.98
C GLU A 60 12.93 4.55 -1.85
N LYS A 61 11.82 5.14 -1.38
CA LYS A 61 10.53 4.44 -1.22
C LYS A 61 10.09 3.86 -2.58
N CYS A 62 9.74 2.59 -2.58
CA CYS A 62 9.37 1.87 -3.78
C CYS A 62 7.85 1.69 -3.86
N PRO A 63 7.20 2.19 -4.92
CA PRO A 63 5.74 2.04 -5.01
C PRO A 63 5.34 0.61 -5.37
N SER A 64 4.22 0.11 -4.82
CA SER A 64 3.73 -1.24 -5.12
C SER A 64 2.59 -1.17 -6.19
N LYS A 65 2.06 0.05 -6.41
CA LYS A 65 0.97 0.36 -7.34
C LYS A 65 1.31 1.56 -8.20
N VAL A 66 0.51 1.77 -9.27
CA VAL A 66 0.67 2.90 -10.19
C VAL A 66 0.30 4.23 -9.47
N THR A 67 1.31 5.00 -9.13
CA THR A 67 1.18 6.29 -8.43
C THR A 67 1.27 7.46 -9.43
N ASN A 68 1.09 8.70 -8.94
CA ASN A 68 1.20 9.95 -9.72
C ASN A 68 2.59 10.06 -10.38
N GLU A 69 3.64 9.58 -9.68
CA GLU A 69 5.02 9.56 -10.13
C GLU A 69 5.17 8.69 -11.38
N VAL A 70 4.44 7.55 -11.45
CA VAL A 70 4.49 6.63 -12.60
C VAL A 70 3.96 7.35 -13.85
N PHE A 71 2.78 7.96 -13.75
CA PHE A 71 2.16 8.74 -14.82
C PHE A 71 3.06 9.88 -15.26
N ARG A 72 3.61 10.63 -14.31
CA ARG A 72 4.55 11.71 -14.54
C ARG A 72 5.75 11.19 -15.37
N HIS A 73 6.38 10.07 -14.93
CA HIS A 73 7.51 9.41 -15.63
C HIS A 73 7.13 8.97 -17.02
N ALA A 74 5.90 8.45 -17.25
CA ALA A 74 5.47 8.03 -18.59
C ALA A 74 5.47 9.20 -19.59
N LYS A 75 4.98 10.38 -19.16
CA LYS A 75 4.93 11.60 -19.98
C LYS A 75 6.29 12.08 -20.46
N LEU A 76 7.27 12.15 -19.54
CA LEU A 76 8.65 12.57 -19.80
C LEU A 76 9.51 11.50 -20.52
N THR A 77 9.04 10.26 -20.54
CA THR A 77 9.72 9.11 -21.12
C THR A 77 9.14 8.75 -22.52
N GLY A 78 8.49 9.73 -23.17
CA GLY A 78 7.95 9.54 -24.51
C GLY A 78 6.54 9.00 -24.67
N ALA A 79 5.84 8.68 -23.56
CA ALA A 79 4.45 8.20 -23.66
C ALA A 79 3.47 9.23 -23.12
N GLY A 80 3.52 10.43 -23.70
CA GLY A 80 2.68 11.58 -23.34
C GLY A 80 1.19 11.38 -23.47
N TYR A 81 0.75 10.38 -24.27
CA TYR A 81 -0.66 9.99 -24.47
C TYR A 81 -1.26 9.35 -23.21
N ILE A 82 -0.41 8.98 -22.24
CA ILE A 82 -0.85 8.40 -20.97
C ILE A 82 -1.07 9.57 -20.02
N ASN A 83 -2.15 9.50 -19.22
CA ASN A 83 -2.49 10.48 -18.17
C ASN A 83 -3.40 9.80 -17.14
N LYS A 84 -3.24 10.19 -15.86
CA LYS A 84 -3.97 9.64 -14.71
C LYS A 84 -5.51 9.61 -14.86
N PRO A 85 -6.24 10.74 -15.07
CA PRO A 85 -7.70 10.67 -15.18
C PRO A 85 -8.24 9.72 -16.25
N LYS A 86 -7.57 9.62 -17.43
CA LYS A 86 -7.97 8.66 -18.48
C LYS A 86 -7.85 7.20 -18.03
N MET A 87 -6.71 6.82 -17.44
CA MET A 87 -6.49 5.47 -16.93
C MET A 87 -7.50 5.16 -15.82
N ARG A 88 -7.83 6.15 -15.01
CA ARG A 88 -8.80 5.94 -13.93
C ARG A 88 -10.24 5.70 -14.39
N ASP A 89 -10.66 6.33 -15.50
CA ASP A 89 -12.00 6.17 -16.07
C ASP A 89 -12.35 4.71 -16.41
N TYR A 90 -11.35 3.89 -16.86
CA TYR A 90 -11.52 2.51 -17.31
C TYR A 90 -10.83 1.39 -16.50
N VAL A 91 -10.31 1.67 -15.29
CA VAL A 91 -9.66 0.62 -14.46
C VAL A 91 -10.59 -0.60 -14.34
N HIS A 92 -11.89 -0.36 -14.01
CA HIS A 92 -12.92 -1.40 -13.87
C HIS A 92 -13.08 -2.23 -15.15
N CYS A 93 -13.04 -1.58 -16.32
CA CYS A 93 -13.12 -2.25 -17.64
C CYS A 93 -11.91 -3.16 -17.81
N TYR A 94 -10.70 -2.64 -17.46
CA TYR A 94 -9.45 -3.41 -17.54
C TYR A 94 -9.48 -4.60 -16.57
N ALA A 95 -10.11 -4.39 -15.41
CA ALA A 95 -10.29 -5.44 -14.40
C ALA A 95 -11.13 -6.62 -14.93
N LEU A 96 -12.22 -6.35 -15.66
CA LEU A 96 -13.06 -7.41 -16.27
C LEU A 96 -12.26 -8.17 -17.30
N HIS A 97 -11.47 -7.44 -18.13
CA HIS A 97 -10.60 -8.02 -19.15
C HIS A 97 -9.58 -8.99 -18.51
N CYS A 98 -8.97 -8.62 -17.34
CA CYS A 98 -7.99 -9.49 -16.66
C CYS A 98 -8.64 -10.66 -15.95
N LEU A 99 -9.70 -10.39 -15.17
CA LEU A 99 -10.40 -11.38 -14.35
C LEU A 99 -11.25 -12.41 -15.11
N ASP A 100 -11.85 -11.99 -16.24
CA ASP A 100 -12.73 -12.81 -17.06
C ASP A 100 -12.73 -12.34 -18.52
N VAL A 101 -11.64 -12.65 -19.32
CA VAL A 101 -11.56 -12.27 -20.77
C VAL A 101 -12.83 -12.62 -21.54
N GLU A 102 -13.31 -13.89 -21.41
CA GLU A 102 -14.50 -14.38 -22.10
C GLU A 102 -15.71 -13.44 -21.91
N THR A 103 -16.03 -13.04 -20.65
CA THR A 103 -17.14 -12.10 -20.40
C THR A 103 -16.81 -10.72 -20.96
N SER A 104 -15.58 -10.26 -20.76
CA SER A 104 -15.11 -8.98 -21.30
C SER A 104 -15.31 -8.91 -22.82
N ASN A 105 -14.92 -9.98 -23.55
CA ASN A 105 -15.03 -10.12 -25.00
C ASN A 105 -16.47 -10.14 -25.44
N ASN A 106 -17.34 -10.91 -24.75
CA ASN A 106 -18.78 -10.99 -25.11
C ASN A 106 -19.48 -9.65 -24.91
N LEU A 107 -19.15 -8.92 -23.80
CA LEU A 107 -19.72 -7.61 -23.47
C LEU A 107 -19.36 -6.60 -24.56
N ARG A 108 -18.08 -6.60 -25.01
CA ARG A 108 -17.57 -5.75 -26.08
C ARG A 108 -18.30 -6.03 -27.40
N LYS A 109 -18.42 -7.31 -27.79
CA LYS A 109 -19.17 -7.70 -28.99
C LYS A 109 -20.66 -7.26 -28.93
N GLU A 110 -21.29 -7.38 -27.75
CA GLU A 110 -22.69 -7.01 -27.50
C GLU A 110 -22.90 -5.50 -27.68
N TYR A 111 -22.05 -4.70 -27.03
CA TYR A 111 -22.08 -3.25 -27.10
C TYR A 111 -21.76 -2.73 -28.51
N LYS A 112 -20.82 -3.40 -29.21
CA LYS A 112 -20.47 -3.06 -30.58
C LYS A 112 -21.67 -3.39 -31.50
N GLU A 113 -22.31 -4.55 -31.32
CA GLU A 113 -23.46 -4.95 -32.13
C GLU A 113 -24.68 -4.06 -31.96
N ARG A 114 -24.88 -3.50 -30.76
CA ARG A 114 -25.93 -2.56 -30.43
C ARG A 114 -25.62 -1.11 -30.91
N GLY A 115 -24.41 -0.87 -31.39
CA GLY A 115 -23.96 0.45 -31.85
C GLY A 115 -23.94 1.42 -30.68
N GLU A 116 -23.41 0.95 -29.57
CA GLU A 116 -23.37 1.69 -28.31
C GLU A 116 -22.13 2.57 -28.18
N ASN A 117 -22.24 3.73 -27.52
CA ASN A 117 -21.04 4.54 -27.31
C ASN A 117 -20.19 4.02 -26.11
N VAL A 118 -18.96 4.56 -25.93
CA VAL A 118 -18.02 4.12 -24.88
C VAL A 118 -18.58 4.25 -23.49
N GLY A 119 -19.32 5.33 -23.25
CA GLY A 119 -19.94 5.64 -21.97
C GLY A 119 -20.88 4.55 -21.49
N ALA A 120 -21.75 4.05 -22.39
CA ALA A 120 -22.70 2.99 -22.06
C ALA A 120 -21.97 1.66 -21.81
N TRP A 121 -20.90 1.37 -22.57
CA TRP A 121 -20.11 0.14 -22.42
C TRP A 121 -19.41 0.19 -21.10
N CYS A 122 -18.79 1.35 -20.80
CA CYS A 122 -18.02 1.61 -19.60
C CYS A 122 -18.85 1.35 -18.36
N GLN A 123 -20.12 1.82 -18.35
CA GLN A 123 -21.03 1.62 -17.23
CA GLN A 123 -21.10 1.63 -17.27
C GLN A 123 -21.52 0.16 -17.11
N ALA A 124 -21.62 -0.57 -18.26
CA ALA A 124 -22.03 -1.98 -18.25
C ALA A 124 -20.99 -2.89 -17.57
N CYS A 125 -19.68 -2.59 -17.71
CA CYS A 125 -18.56 -3.39 -17.17
C CYS A 125 -18.65 -3.57 -15.65
N TYR A 126 -19.29 -2.63 -14.92
CA TYR A 126 -19.41 -2.72 -13.46
C TYR A 126 -20.16 -3.99 -13.02
N PHE A 127 -21.26 -4.32 -13.72
CA PHE A 127 -22.16 -5.44 -13.40
C PHE A 127 -21.56 -6.83 -13.43
N PRO A 128 -20.84 -7.29 -14.50
CA PRO A 128 -20.14 -8.60 -14.39
C PRO A 128 -19.11 -8.64 -13.24
N LEU A 129 -18.44 -7.51 -12.94
CA LEU A 129 -17.46 -7.39 -11.83
C LEU A 129 -18.10 -7.58 -10.46
N VAL A 130 -19.35 -7.10 -10.28
CA VAL A 130 -20.16 -7.25 -9.06
C VAL A 130 -20.41 -8.76 -8.82
N LYS A 131 -20.78 -9.51 -9.88
CA LYS A 131 -21.01 -10.96 -9.82
C LYS A 131 -19.71 -11.68 -9.35
N LEU A 132 -18.56 -11.28 -9.91
CA LEU A 132 -17.23 -11.84 -9.60
C LEU A 132 -16.87 -11.56 -8.13
N ALA A 133 -17.14 -10.32 -7.64
CA ALA A 133 -16.91 -9.94 -6.23
C ALA A 133 -17.80 -10.81 -5.31
N ARG A 134 -19.08 -11.04 -5.68
CA ARG A 134 -20.02 -11.88 -4.94
C ARG A 134 -19.49 -13.34 -4.86
N GLN A 135 -18.91 -13.85 -5.96
CA GLN A 135 -18.37 -15.20 -6.01
C GLN A 135 -17.09 -15.37 -5.16
N ASN A 136 -16.48 -14.25 -4.75
CA ASN A 136 -15.28 -14.18 -3.92
C ASN A 136 -15.59 -13.55 -2.53
N GLU A 137 -16.73 -13.96 -1.90
CA GLU A 137 -17.19 -13.51 -0.58
C GLU A 137 -17.29 -11.96 -0.44
N TRP A 138 -17.57 -11.28 -1.57
CA TRP A 138 -17.71 -9.82 -1.66
C TRP A 138 -16.39 -9.07 -1.51
N ASP A 139 -15.26 -9.78 -1.55
CA ASP A 139 -13.95 -9.20 -1.42
C ASP A 139 -13.35 -8.82 -2.79
N ILE A 140 -13.66 -7.60 -3.25
CA ILE A 140 -13.17 -7.04 -4.50
C ILE A 140 -11.65 -6.77 -4.47
N ASP A 141 -11.13 -6.31 -3.30
CA ASP A 141 -9.71 -6.04 -3.05
C ASP A 141 -8.87 -7.30 -3.27
N ASP A 142 -9.32 -8.44 -2.73
CA ASP A 142 -8.62 -9.72 -2.88
C ASP A 142 -8.48 -10.16 -4.35
N LEU A 143 -9.58 -9.99 -5.15
CA LEU A 143 -9.69 -10.27 -6.59
C LEU A 143 -8.61 -9.55 -7.37
N PHE A 144 -8.42 -8.23 -7.07
CA PHE A 144 -7.39 -7.38 -7.64
C PHE A 144 -6.01 -7.82 -7.20
N ASN A 145 -5.82 -8.06 -5.90
CA ASN A 145 -4.51 -8.43 -5.35
C ASN A 145 -3.99 -9.81 -5.72
N ARG A 146 -4.88 -10.76 -6.08
CA ARG A 146 -4.48 -12.11 -6.48
C ARG A 146 -4.08 -12.21 -7.96
N ASN A 147 -4.39 -11.19 -8.76
CA ASN A 147 -4.10 -11.17 -10.19
C ASN A 147 -2.86 -10.31 -10.41
N ASP A 148 -1.88 -10.86 -11.14
CA ASP A 148 -0.61 -10.20 -11.46
C ASP A 148 -0.77 -8.82 -12.15
N LYS A 149 -1.72 -8.71 -13.13
CA LYS A 149 -1.93 -7.47 -13.89
C LYS A 149 -2.65 -6.40 -13.10
N LEU A 150 -3.60 -6.81 -12.26
CA LEU A 150 -4.48 -5.93 -11.48
C LEU A 150 -3.94 -5.44 -10.19
N ARG A 151 -3.06 -6.22 -9.58
CA ARG A 151 -2.38 -5.96 -8.31
C ARG A 151 -1.84 -4.51 -8.21
N ILE A 152 -1.38 -3.95 -9.34
CA ILE A 152 -0.74 -2.63 -9.39
C ILE A 152 -1.77 -1.49 -9.54
N TRP A 153 -3.07 -1.82 -9.70
CA TRP A 153 -4.13 -0.83 -9.87
C TRP A 153 -5.01 -0.72 -8.64
N TYR A 154 -5.34 0.52 -8.25
CA TYR A 154 -6.24 0.80 -7.13
C TYR A 154 -7.66 0.38 -7.53
N VAL A 155 -8.42 -0.15 -6.56
CA VAL A 155 -9.81 -0.55 -6.78
C VAL A 155 -10.59 0.77 -6.92
N PRO A 156 -11.34 0.96 -8.03
CA PRO A 156 -12.07 2.23 -8.17
C PRO A 156 -13.17 2.33 -7.11
N THR A 157 -13.29 3.52 -6.49
CA THR A 157 -14.28 3.80 -5.44
C THR A 157 -15.70 3.43 -5.89
N LYS A 158 -16.09 3.76 -7.14
CA LYS A 158 -17.45 3.48 -7.65
C LYS A 158 -17.80 2.00 -7.67
N LEU A 159 -16.81 1.15 -7.95
CA LEU A 159 -16.97 -0.29 -7.95
C LEU A 159 -17.24 -0.84 -6.53
N ARG A 160 -16.38 -0.49 -5.56
CA ARG A 160 -16.52 -0.91 -4.16
C ARG A 160 -17.90 -0.49 -3.58
N GLN A 161 -18.33 0.77 -3.85
CA GLN A 161 -19.63 1.32 -3.47
C GLN A 161 -20.76 0.55 -4.12
N LEU A 162 -20.64 0.24 -5.45
CA LEU A 162 -21.65 -0.56 -6.15
C LEU A 162 -21.76 -1.98 -5.57
N CYS A 163 -20.62 -2.63 -5.22
CA CYS A 163 -20.61 -3.96 -4.60
C CYS A 163 -21.31 -3.93 -3.25
N HIS A 164 -21.08 -2.88 -2.48
CA HIS A 164 -21.67 -2.74 -1.16
C HIS A 164 -23.20 -2.65 -1.28
N ILE A 165 -23.75 -1.77 -2.16
CA ILE A 165 -25.21 -1.66 -2.35
C ILE A 165 -25.84 -2.92 -2.87
N GLU A 166 -25.15 -3.64 -3.76
CA GLU A 166 -25.64 -4.91 -4.29
C GLU A 166 -25.70 -6.01 -3.22
N ARG A 167 -24.72 -6.02 -2.27
CA ARG A 167 -24.66 -6.98 -1.16
C ARG A 167 -25.90 -6.81 -0.23
N MET A 168 -26.32 -5.54 0.01
CA MET A 168 -27.48 -5.17 0.83
C MET A 168 -28.76 -5.60 0.15
N LYS A 169 -28.80 -5.57 -1.18
CA LYS A 169 -29.96 -5.98 -1.97
C LYS A 169 -30.02 -7.50 -2.24
N HIS A 170 -28.86 -8.16 -2.46
CA HIS A 170 -28.77 -9.59 -2.77
C HIS A 170 -27.65 -10.28 -1.97
N PRO B 13 -3.40 16.30 28.38
CA PRO B 13 -2.06 16.57 28.95
C PRO B 13 -0.99 15.55 28.54
N ARG B 14 0.22 16.08 28.28
CA ARG B 14 1.40 15.37 27.83
C ARG B 14 1.76 14.17 28.70
N GLU B 15 2.00 13.04 28.03
CA GLU B 15 2.43 11.79 28.65
C GLU B 15 3.79 11.95 29.28
N HIS B 16 4.16 11.04 30.21
CA HIS B 16 5.46 11.03 30.88
C HIS B 16 6.48 10.75 29.81
N PRO B 17 7.72 11.26 29.92
CA PRO B 17 8.75 10.91 28.94
C PRO B 17 9.19 9.44 29.10
N PHE B 18 9.72 8.82 28.04
CA PHE B 18 10.25 7.46 28.19
C PHE B 18 11.63 7.53 28.88
N ILE B 19 12.11 6.38 29.41
CA ILE B 19 13.43 6.14 29.99
C ILE B 19 13.87 4.77 29.52
N VAL B 20 15.17 4.53 29.46
CA VAL B 20 15.73 3.25 29.04
C VAL B 20 15.53 2.24 30.19
N THR B 21 14.85 1.13 29.93
CA THR B 21 14.64 0.07 30.90
C THR B 21 15.09 -1.24 30.28
N GLU B 22 15.42 -2.21 31.14
CA GLU B 22 15.76 -3.58 30.76
C GLU B 22 14.43 -4.32 30.56
N PRO B 23 14.41 -5.46 29.86
CA PRO B 23 13.13 -6.19 29.70
C PRO B 23 12.46 -6.54 31.03
N GLY B 24 11.20 -6.17 31.17
CA GLY B 24 10.40 -6.40 32.37
C GLY B 24 10.73 -5.53 33.57
N GLU B 25 11.51 -4.44 33.36
CA GLU B 25 11.90 -3.51 34.43
C GLU B 25 10.93 -2.34 34.48
N PRO B 26 10.34 -2.04 35.66
CA PRO B 26 9.40 -0.91 35.72
C PRO B 26 10.14 0.42 35.80
N ALA B 27 9.64 1.46 35.11
CA ALA B 27 10.24 2.78 35.14
C ALA B 27 9.93 3.43 36.48
N LYS B 28 10.91 4.13 37.04
CA LYS B 28 10.71 4.81 38.31
C LYS B 28 10.55 6.31 38.10
N GLY B 29 9.65 6.89 38.90
CA GLY B 29 9.34 8.31 38.83
C GLY B 29 8.28 8.60 37.80
N LYS B 30 8.26 9.85 37.31
CA LYS B 30 7.29 10.29 36.31
C LYS B 30 7.79 9.95 34.89
N LYS B 31 7.96 8.64 34.63
CA LYS B 31 8.51 8.08 33.37
C LYS B 31 7.85 6.76 32.97
N ASN B 32 7.92 6.41 31.67
CA ASN B 32 7.43 5.15 31.10
C ASN B 32 8.61 4.35 30.56
N GLY B 33 8.64 3.05 30.80
CA GLY B 33 9.72 2.18 30.33
C GLY B 33 9.58 1.80 28.87
N LEU B 34 10.54 1.01 28.37
CA LEU B 34 10.54 0.56 26.96
C LEU B 34 9.59 -0.60 26.64
N ASP B 35 9.14 -1.35 27.66
CA ASP B 35 8.14 -2.42 27.42
C ASP B 35 6.77 -1.78 27.19
N TYR B 36 6.48 -0.65 27.87
CA TYR B 36 5.28 0.17 27.71
C TYR B 36 5.27 0.77 26.29
N LEU B 37 6.46 1.22 25.82
CA LEU B 37 6.67 1.77 24.49
C LEU B 37 6.32 0.71 23.46
N PHE B 38 6.95 -0.48 23.54
CA PHE B 38 6.65 -1.51 22.54
C PHE B 38 5.20 -1.96 22.55
N ASP B 39 4.53 -1.94 23.73
CA ASP B 39 3.13 -2.31 23.86
C ASP B 39 2.18 -1.36 23.11
N LEU B 40 2.59 -0.09 22.98
CA LEU B 40 1.84 0.92 22.24
C LEU B 40 1.73 0.51 20.74
N TYR B 41 2.80 -0.10 20.16
CA TYR B 41 2.77 -0.61 18.78
C TYR B 41 1.79 -1.76 18.64
N GLU B 42 1.76 -2.67 19.65
CA GLU B 42 0.85 -3.80 19.71
C GLU B 42 -0.61 -3.33 19.82
N GLN B 43 -0.87 -2.25 20.59
CA GLN B 43 -2.19 -1.63 20.74
C GLN B 43 -2.68 -1.01 19.43
N CYS B 44 -1.76 -0.35 18.70
CA CYS B 44 -2.02 0.22 17.37
C CYS B 44 -2.48 -0.83 16.38
N GLY B 45 -1.81 -1.99 16.37
CA GLY B 45 -2.19 -3.11 15.53
C GLY B 45 -3.60 -3.59 15.81
N LYS B 46 -4.02 -3.53 17.09
CA LYS B 46 -5.39 -3.89 17.45
C LYS B 46 -6.40 -2.86 16.94
N PHE B 47 -6.06 -1.57 17.03
CA PHE B 47 -6.86 -0.49 16.48
C PHE B 47 -6.89 -0.51 14.94
N LEU B 48 -5.83 -1.04 14.28
CA LEU B 48 -5.84 -1.18 12.82
C LEU B 48 -6.87 -2.28 12.45
N GLU B 49 -6.85 -3.42 13.19
CA GLU B 49 -7.75 -4.56 13.02
C GLU B 49 -9.20 -4.06 13.01
N GLU B 50 -9.57 -3.24 14.02
CA GLU B 50 -10.91 -2.67 14.17
C GLU B 50 -11.30 -1.81 13.00
N VAL B 51 -10.44 -0.84 12.63
CA VAL B 51 -10.64 0.06 11.47
C VAL B 51 -10.88 -0.77 10.16
N GLN B 52 -10.05 -1.80 9.92
CA GLN B 52 -10.13 -2.68 8.75
C GLN B 52 -11.53 -3.34 8.69
N HIS B 53 -11.99 -3.89 9.86
CA HIS B 53 -13.29 -4.55 10.02
C HIS B 53 -14.45 -3.63 9.69
N ILE B 54 -14.40 -2.40 10.23
CA ILE B 54 -15.40 -1.36 10.02
C ILE B 54 -15.49 -1.00 8.53
N ALA B 55 -14.32 -0.81 7.88
CA ALA B 55 -14.19 -0.46 6.46
C ALA B 55 -14.76 -1.59 5.58
N LYS B 56 -14.51 -2.86 5.96
CA LYS B 56 -15.02 -4.04 5.25
C LYS B 56 -16.54 -4.07 5.32
N GLU B 57 -17.12 -3.73 6.49
CA GLU B 57 -18.56 -3.60 6.70
C GLU B 57 -19.12 -2.46 5.85
N LYS B 58 -18.51 -1.26 5.95
CA LYS B 58 -18.93 -0.06 5.23
C LYS B 58 -18.73 -0.11 3.71
N GLY B 59 -17.90 -1.03 3.22
CA GLY B 59 -17.58 -1.13 1.80
C GLY B 59 -16.67 0.00 1.36
N GLU B 60 -15.75 0.42 2.26
CA GLU B 60 -14.78 1.51 2.05
C GLU B 60 -13.36 0.95 1.92
N LYS B 61 -12.41 1.80 1.50
CA LYS B 61 -11.01 1.43 1.34
C LYS B 61 -10.43 0.89 2.66
N CYS B 62 -9.93 -0.34 2.62
CA CYS B 62 -9.38 -1.07 3.77
C CYS B 62 -7.87 -0.83 3.88
N PRO B 63 -7.35 -0.27 5.01
CA PRO B 63 -5.90 -0.07 5.10
C PRO B 63 -5.11 -1.35 5.39
N SER B 64 -3.87 -1.42 4.87
CA SER B 64 -2.99 -2.57 5.11
C SER B 64 -1.91 -2.15 6.11
N LYS B 65 -1.78 -0.83 6.33
CA LYS B 65 -0.82 -0.22 7.24
C LYS B 65 -1.50 0.74 8.19
N VAL B 66 -0.80 1.13 9.25
CA VAL B 66 -1.32 2.07 10.24
C VAL B 66 -1.42 3.45 9.55
N THR B 67 -2.64 3.96 9.42
CA THR B 67 -2.91 5.23 8.76
C THR B 67 -3.28 6.31 9.78
N ASN B 68 -3.58 7.53 9.31
CA ASN B 68 -4.04 8.67 10.13
C ASN B 68 -5.40 8.32 10.79
N GLU B 69 -6.24 7.52 10.09
CA GLU B 69 -7.55 7.09 10.60
C GLU B 69 -7.41 6.18 11.82
N VAL B 70 -6.36 5.34 11.86
CA VAL B 70 -6.07 4.40 12.94
C VAL B 70 -5.74 5.15 14.24
N PHE B 71 -4.96 6.24 14.11
CA PHE B 71 -4.60 7.13 15.20
C PHE B 71 -5.80 7.88 15.69
N ARG B 72 -6.62 8.38 14.77
CA ARG B 72 -7.87 9.09 15.00
C ARG B 72 -8.89 8.19 15.75
N HIS B 73 -8.99 6.91 15.36
CA HIS B 73 -9.88 5.94 16.01
C HIS B 73 -9.33 5.55 17.40
N ALA B 74 -7.99 5.53 17.55
CA ALA B 74 -7.37 5.23 18.85
C ALA B 74 -7.67 6.36 19.85
N LYS B 75 -7.59 7.64 19.38
CA LYS B 75 -7.85 8.84 20.20
C LYS B 75 -9.28 8.93 20.69
N LEU B 76 -10.25 8.55 19.83
CA LEU B 76 -11.68 8.59 20.14
C LEU B 76 -12.19 7.40 20.95
N THR B 77 -11.34 6.37 21.13
CA THR B 77 -11.62 5.18 21.93
C THR B 77 -10.96 5.32 23.33
N GLY B 78 -10.58 6.54 23.70
CA GLY B 78 -9.97 6.81 25.00
C GLY B 78 -8.46 6.68 25.05
N ALA B 79 -7.86 5.89 24.12
CA ALA B 79 -6.41 5.72 24.01
C ALA B 79 -5.76 6.94 23.38
N GLY B 80 -6.03 8.10 23.98
CA GLY B 80 -5.53 9.41 23.56
C GLY B 80 -4.02 9.55 23.68
N TYR B 81 -3.37 8.65 24.47
CA TYR B 81 -1.92 8.55 24.68
C TYR B 81 -1.17 8.03 23.45
N ILE B 82 -1.91 7.54 22.44
CA ILE B 82 -1.36 7.06 21.16
C ILE B 82 -1.46 8.24 20.18
N ASN B 83 -0.36 8.52 19.45
CA ASN B 83 -0.32 9.59 18.45
C ASN B 83 0.72 9.28 17.39
N LYS B 84 0.49 9.73 16.14
CA LYS B 84 1.37 9.50 14.98
C LYS B 84 2.86 9.90 15.17
N PRO B 85 3.22 11.17 15.48
CA PRO B 85 4.65 11.50 15.61
C PRO B 85 5.44 10.67 16.61
N LYS B 86 4.84 10.34 17.78
CA LYS B 86 5.54 9.54 18.79
C LYS B 86 5.76 8.12 18.26
N MET B 87 4.75 7.51 17.64
CA MET B 87 4.92 6.15 17.09
C MET B 87 5.99 6.12 15.99
N ARG B 88 6.06 7.21 15.22
CA ARG B 88 7.05 7.32 14.14
CA ARG B 88 7.04 7.33 14.14
C ARG B 88 8.46 7.45 14.67
N ASP B 89 8.64 8.17 15.80
CA ASP B 89 9.94 8.38 16.43
C ASP B 89 10.72 7.11 16.71
N TYR B 90 10.03 6.02 17.12
CA TYR B 90 10.62 4.74 17.55
C TYR B 90 10.31 3.49 16.71
N VAL B 91 9.73 3.62 15.49
CA VAL B 91 9.38 2.48 14.62
C VAL B 91 10.60 1.53 14.46
N HIS B 92 11.81 2.10 14.20
CA HIS B 92 13.08 1.36 14.03
C HIS B 92 13.45 0.61 15.31
N CYS B 93 13.17 1.20 16.48
CA CYS B 93 13.42 0.55 17.78
C CYS B 93 12.53 -0.67 17.91
N TYR B 94 11.25 -0.54 17.52
CA TYR B 94 10.26 -1.59 17.58
C TYR B 94 10.59 -2.67 16.54
N ALA B 95 11.14 -2.27 15.36
CA ALA B 95 11.59 -3.17 14.33
C ALA B 95 12.68 -4.10 14.84
N LEU B 96 13.65 -3.58 15.62
CA LEU B 96 14.74 -4.35 16.21
C LEU B 96 14.21 -5.34 17.24
N HIS B 97 13.26 -4.89 18.09
CA HIS B 97 12.60 -5.72 19.12
C HIS B 97 11.90 -6.92 18.45
N CYS B 98 11.23 -6.67 17.31
CA CYS B 98 10.54 -7.73 16.56
C CYS B 98 11.51 -8.67 15.84
N LEU B 99 12.46 -8.09 15.10
CA LEU B 99 13.39 -8.81 14.23
C LEU B 99 14.46 -9.58 14.97
N ASP B 100 14.99 -9.00 16.07
CA ASP B 100 16.05 -9.62 16.86
C ASP B 100 15.89 -9.27 18.32
N VAL B 101 14.93 -9.92 19.00
CA VAL B 101 14.60 -9.67 20.42
C VAL B 101 15.82 -9.77 21.38
N GLU B 102 16.76 -10.69 21.11
CA GLU B 102 17.97 -10.89 21.91
C GLU B 102 18.98 -9.70 21.81
N THR B 103 19.14 -9.12 20.59
CA THR B 103 20.01 -7.95 20.39
C THR B 103 19.31 -6.74 21.00
N SER B 104 17.97 -6.63 20.80
CA SER B 104 17.18 -5.54 21.36
C SER B 104 17.28 -5.49 22.87
N ASN B 105 17.25 -6.65 23.54
CA ASN B 105 17.35 -6.72 25.00
C ASN B 105 18.74 -6.34 25.48
N ASN B 106 19.80 -6.89 24.82
CA ASN B 106 21.21 -6.59 25.13
C ASN B 106 21.53 -5.10 24.91
N LEU B 107 20.98 -4.50 23.84
CA LEU B 107 21.17 -3.07 23.56
C LEU B 107 20.54 -2.18 24.66
N ARG B 108 19.35 -2.57 25.16
CA ARG B 108 18.64 -1.89 26.25
C ARG B 108 19.43 -2.00 27.57
N LYS B 109 20.00 -3.21 27.87
CA LYS B 109 20.82 -3.47 29.08
C LYS B 109 22.10 -2.62 29.08
N GLU B 110 22.76 -2.51 27.89
CA GLU B 110 23.99 -1.74 27.64
C GLU B 110 23.73 -0.25 27.89
N TYR B 111 22.62 0.28 27.34
CA TYR B 111 22.26 1.69 27.45
C TYR B 111 21.83 2.07 28.86
N LYS B 112 21.05 1.19 29.55
CA LYS B 112 20.65 1.36 30.95
C LYS B 112 21.92 1.41 31.84
N GLU B 113 22.84 0.43 31.69
CA GLU B 113 24.09 0.35 32.46
C GLU B 113 24.97 1.59 32.36
N ARG B 114 24.95 2.25 31.19
CA ARG B 114 25.70 3.46 30.89
C ARG B 114 24.95 4.73 31.37
N GLY B 115 23.70 4.57 31.83
CA GLY B 115 22.87 5.69 32.31
C GLY B 115 22.59 6.65 31.17
N GLU B 116 22.36 6.08 30.00
CA GLU B 116 22.11 6.79 28.78
C GLU B 116 20.66 7.27 28.66
N ASN B 117 20.45 8.40 27.98
CA ASN B 117 19.09 8.88 27.80
C ASN B 117 18.45 8.18 26.57
N VAL B 118 17.13 8.26 26.44
CA VAL B 118 16.36 7.64 25.35
C VAL B 118 16.87 7.94 23.96
N GLY B 119 17.22 9.20 23.71
CA GLY B 119 17.73 9.68 22.44
C GLY B 119 18.95 8.92 21.95
N ALA B 120 19.95 8.73 22.83
CA ALA B 120 21.16 7.97 22.48
C ALA B 120 20.81 6.52 22.22
N TRP B 121 19.89 5.94 23.02
CA TRP B 121 19.47 4.55 22.80
C TRP B 121 18.76 4.42 21.45
N CYS B 122 17.87 5.39 21.15
CA CYS B 122 17.07 5.46 19.93
C CYS B 122 17.96 5.56 18.68
N GLN B 123 19.07 6.37 18.76
CA GLN B 123 20.05 6.47 17.66
C GLN B 123 20.87 5.19 17.48
N ALA B 124 21.24 4.53 18.61
CA ALA B 124 21.99 3.28 18.57
C ALA B 124 21.21 2.13 17.90
N CYS B 125 19.85 2.15 17.94
CA CYS B 125 19.00 1.09 17.36
C CYS B 125 19.14 0.85 15.86
N TYR B 126 19.45 1.90 15.09
CA TYR B 126 19.65 1.84 13.62
C TYR B 126 20.75 0.85 13.23
N PHE B 127 21.88 0.88 13.96
CA PHE B 127 23.09 0.09 13.70
C PHE B 127 22.95 -1.44 13.68
N PRO B 128 22.31 -2.14 14.66
CA PRO B 128 22.07 -3.59 14.47
C PRO B 128 21.06 -3.85 13.32
N LEU B 129 20.15 -2.90 13.04
CA LEU B 129 19.19 -3.02 11.94
C LEU B 129 19.87 -3.05 10.59
N VAL B 130 20.94 -2.23 10.41
CA VAL B 130 21.78 -2.20 9.20
C VAL B 130 22.37 -3.62 8.94
N LYS B 131 22.88 -4.29 10.01
CA LYS B 131 23.40 -5.67 9.97
C LYS B 131 22.32 -6.64 9.46
N LEU B 132 21.10 -6.59 10.04
CA LEU B 132 19.95 -7.43 9.65
C LEU B 132 19.57 -7.21 8.19
N ALA B 133 19.60 -5.94 7.72
CA ALA B 133 19.34 -5.58 6.33
C ALA B 133 20.45 -6.15 5.44
N ARG B 134 21.73 -6.10 5.88
CA ARG B 134 22.87 -6.66 5.14
C ARG B 134 22.69 -8.18 4.92
N GLN B 135 22.24 -8.90 5.97
CA GLN B 135 22.00 -10.33 5.90
C GLN B 135 20.84 -10.73 4.99
N ASN B 136 19.92 -9.78 4.71
CA ASN B 136 18.75 -9.96 3.85
C ASN B 136 18.93 -9.23 2.49
N GLU B 137 20.16 -9.29 1.92
CA GLU B 137 20.53 -8.69 0.63
C GLU B 137 20.14 -7.21 0.53
N TRP B 138 20.34 -6.45 1.63
CA TRP B 138 20.05 -5.02 1.78
C TRP B 138 18.59 -4.61 1.61
N ASP B 139 17.68 -5.59 1.59
CA ASP B 139 16.26 -5.30 1.44
C ASP B 139 15.58 -5.12 2.80
N ILE B 140 15.58 -3.87 3.29
CA ILE B 140 14.98 -3.48 4.56
C ILE B 140 13.43 -3.54 4.48
N ASP B 141 12.88 -3.27 3.30
CA ASP B 141 11.45 -3.32 3.04
C ASP B 141 10.90 -4.72 3.17
N ASP B 142 11.61 -5.73 2.62
CA ASP B 142 11.22 -7.13 2.72
C ASP B 142 11.27 -7.65 4.16
N LEU B 143 12.22 -7.16 4.97
CA LEU B 143 12.41 -7.51 6.39
C LEU B 143 11.15 -7.16 7.20
N PHE B 144 10.53 -6.00 6.89
CA PHE B 144 9.29 -5.50 7.50
C PHE B 144 8.08 -6.29 7.01
N ASN B 145 8.03 -6.65 5.71
CA ASN B 145 6.90 -7.38 5.09
C ASN B 145 6.75 -8.84 5.51
N ARG B 146 7.89 -9.56 5.69
CA ARG B 146 7.89 -10.96 6.12
CA ARG B 146 7.91 -10.96 6.12
C ARG B 146 7.39 -11.13 7.56
N ASN B 147 7.50 -10.07 8.38
CA ASN B 147 7.10 -10.07 9.80
C ASN B 147 5.65 -9.56 10.02
N ASP B 148 4.79 -10.38 10.67
CA ASP B 148 3.38 -10.09 10.95
C ASP B 148 3.15 -8.80 11.75
N LYS B 149 4.07 -8.49 12.69
CA LYS B 149 4.04 -7.31 13.59
C LYS B 149 4.50 -6.06 12.84
N LEU B 150 5.57 -6.17 12.01
CA LEU B 150 6.17 -5.06 11.26
C LEU B 150 5.46 -4.69 9.96
N ARG B 151 4.83 -5.67 9.32
CA ARG B 151 4.04 -5.58 8.08
C ARG B 151 3.18 -4.28 7.98
N ILE B 152 2.60 -3.88 9.14
CA ILE B 152 1.67 -2.75 9.26
C ILE B 152 2.37 -1.40 9.41
N TRP B 153 3.67 -1.43 9.65
CA TRP B 153 4.45 -0.21 9.85
C TRP B 153 5.24 0.15 8.61
N TYR B 154 5.30 1.46 8.31
CA TYR B 154 6.06 1.97 7.17
C TYR B 154 7.53 1.99 7.56
N VAL B 155 8.39 1.64 6.60
CA VAL B 155 9.84 1.67 6.81
C VAL B 155 10.26 3.15 7.03
N PRO B 156 10.92 3.48 8.18
CA PRO B 156 11.34 4.88 8.38
C PRO B 156 12.36 5.34 7.36
N THR B 157 12.15 6.54 6.79
CA THR B 157 13.05 7.17 5.82
C THR B 157 14.53 7.11 6.21
N LYS B 158 14.85 7.54 7.45
CA LYS B 158 16.22 7.56 7.98
C LYS B 158 16.89 6.16 7.94
N LEU B 159 16.12 5.10 8.19
CA LEU B 159 16.67 3.75 8.16
C LEU B 159 17.01 3.31 6.72
N ARG B 160 16.11 3.58 5.78
CA ARG B 160 16.36 3.25 4.38
C ARG B 160 17.60 4.01 3.85
N GLN B 161 17.74 5.30 4.20
CA GLN B 161 18.88 6.15 3.79
C GLN B 161 20.17 5.64 4.40
N LEU B 162 20.17 5.31 5.72
CA LEU B 162 21.34 4.77 6.42
C LEU B 162 21.75 3.42 5.83
N CYS B 163 20.78 2.55 5.45
CA CYS B 163 21.04 1.24 4.86
C CYS B 163 21.72 1.37 3.52
N HIS B 164 21.28 2.34 2.70
CA HIS B 164 21.81 2.61 1.38
C HIS B 164 23.26 3.10 1.43
N ILE B 165 23.57 4.07 2.31
CA ILE B 165 24.92 4.61 2.48
C ILE B 165 25.88 3.55 3.01
N GLU B 166 25.45 2.71 3.97
CA GLU B 166 26.28 1.67 4.56
C GLU B 166 26.68 0.60 3.55
N ARG B 167 25.78 0.31 2.58
CA ARG B 167 25.96 -0.64 1.48
C ARG B 167 27.05 -0.12 0.53
N MET B 168 27.12 1.21 0.36
CA MET B 168 28.14 1.85 -0.47
C MET B 168 29.50 1.78 0.20
N LYS B 169 29.54 2.02 1.54
CA LYS B 169 30.74 1.98 2.37
C LYS B 169 31.30 0.57 2.57
N HIS B 170 30.40 -0.45 2.58
CA HIS B 170 30.69 -1.88 2.78
C HIS B 170 29.87 -2.72 1.80
#